data_5VSZ
#
_entry.id   5VSZ
#
_cell.length_a   52.140
_cell.length_b   61.450
_cell.length_c   91.570
_cell.angle_alpha   90.000
_cell.angle_beta   90.000
_cell.angle_gamma   90.000
#
_symmetry.space_group_name_H-M   'C 2 2 21'
#
loop_
_entity.id
_entity.type
_entity.pdbx_description
1 polymer Sacsin
2 water water
#
_entity_poly.entity_id   1
_entity_poly.type   'polypeptide(L)'
_entity_poly.pdbx_seq_one_letter_code
;GPLGSETKENRWVPVTVLPGCVGCRTVAALASWTVRDVKERIFAETGFPVSEQRLWRGGRELSDWIKIGDLTSKNCHLFV
N(MSE)QSKGLKG
;
_entity_poly.pdbx_strand_id   A,B
#
# COMPACT_ATOMS: atom_id res chain seq x y z
N ARG A 11 -28.66 13.31 -5.15
CA ARG A 11 -28.01 12.05 -4.81
C ARG A 11 -27.24 12.12 -3.48
N TRP A 12 -27.46 11.12 -2.64
CA TRP A 12 -26.83 11.08 -1.33
C TRP A 12 -25.35 10.67 -1.36
N VAL A 13 -24.53 11.35 -0.56
CA VAL A 13 -23.12 10.98 -0.32
C VAL A 13 -22.80 11.11 1.19
N PRO A 14 -22.70 9.97 1.88
CA PRO A 14 -22.37 9.89 3.30
C PRO A 14 -20.94 10.32 3.53
N VAL A 15 -20.73 11.28 4.41
CA VAL A 15 -19.39 11.82 4.58
C VAL A 15 -18.95 11.67 6.01
N THR A 16 -18.02 10.77 6.22
CA THR A 16 -17.49 10.54 7.54
C THR A 16 -16.30 11.45 7.79
N VAL A 17 -16.41 12.23 8.86
CA VAL A 17 -15.35 13.15 9.22
C VAL A 17 -14.55 12.59 10.37
N LEU A 18 -13.24 12.47 10.15
CA LEU A 18 -12.29 12.00 11.15
C LEU A 18 -11.68 13.17 11.91
N PRO A 19 -11.95 13.30 13.21
CA PRO A 19 -11.26 14.33 13.99
C PRO A 19 -9.79 14.03 14.12
N GLY A 20 -9.00 14.30 13.08
CA GLY A 20 -7.62 13.90 13.10
C GLY A 20 -7.55 12.44 12.71
N CYS A 21 -6.36 11.92 12.46
CA CYS A 21 -6.28 10.50 12.18
C CYS A 21 -5.04 9.88 12.79
N VAL A 22 -4.89 10.05 14.09
CA VAL A 22 -3.67 9.58 14.76
C VAL A 22 -3.62 8.06 14.84
N GLY A 23 -2.51 7.50 14.41
CA GLY A 23 -2.32 6.06 14.45
C GLY A 23 -3.02 5.36 13.30
N CYS A 24 -3.63 6.12 12.41
CA CYS A 24 -4.25 5.52 11.27
C CYS A 24 -3.18 4.88 10.39
N ARG A 25 -3.47 3.69 9.90
CA ARG A 25 -2.51 2.97 9.07
C ARG A 25 -3.15 2.52 7.75
N THR A 26 -2.40 2.72 6.68
CA THR A 26 -2.90 2.38 5.35
C THR A 26 -2.10 1.24 4.77
N VAL A 27 -2.77 0.19 4.32
CA VAL A 27 -2.01 -0.90 3.76
C VAL A 27 -2.39 -1.18 2.33
N ALA A 28 -1.40 -1.62 1.57
CA ALA A 28 -1.55 -1.92 0.17
C ALA A 28 -2.10 -3.32 -0.06
N ALA A 29 -3.41 -3.46 -0.15
CA ALA A 29 -3.97 -4.78 -0.40
C ALA A 29 -4.24 -4.96 -1.89
N LEU A 30 -4.28 -6.23 -2.30
CA LEU A 30 -4.77 -6.58 -3.63
C LEU A 30 -6.22 -6.97 -3.50
N ALA A 31 -6.93 -7.02 -4.61
CA ALA A 31 -8.34 -7.41 -4.54
C ALA A 31 -8.46 -8.85 -4.09
N SER A 32 -7.43 -9.65 -4.37
CA SER A 32 -7.49 -11.08 -4.10
C SER A 32 -7.21 -11.40 -2.64
N TRP A 33 -6.82 -10.38 -1.88
CA TRP A 33 -6.71 -10.54 -0.44
C TRP A 33 -8.06 -10.72 0.20
N THR A 34 -8.05 -11.43 1.32
CA THR A 34 -9.21 -11.48 2.18
C THR A 34 -9.04 -10.55 3.39
N VAL A 35 -10.04 -10.55 4.27
CA VAL A 35 -9.96 -9.79 5.51
C VAL A 35 -8.87 -10.38 6.39
N ARG A 36 -8.80 -11.70 6.44
CA ARG A 36 -7.76 -12.36 7.25
C ARG A 36 -6.38 -11.93 6.76
N ASP A 37 -6.25 -11.74 5.46
CA ASP A 37 -5.02 -11.25 4.84
C ASP A 37 -4.60 -9.90 5.41
N VAL A 38 -5.56 -9.02 5.64
CA VAL A 38 -5.29 -7.66 6.13
C VAL A 38 -4.81 -7.69 7.55
N LYS A 39 -5.48 -8.54 8.32
CA LYS A 39 -5.15 -8.74 9.71
C LYS A 39 -3.72 -9.22 9.82
N GLU A 40 -3.34 -10.16 8.95
CA GLU A 40 -1.99 -10.71 9.01
C GLU A 40 -1.01 -9.59 8.68
N ARG A 41 -1.35 -8.78 7.70
CA ARG A 41 -0.50 -7.67 7.32
C ARG A 41 -0.40 -6.69 8.47
N ILE A 42 -1.49 -6.48 9.17
CA ILE A 42 -1.45 -5.58 10.29
C ILE A 42 -0.60 -6.17 11.40
N PHE A 43 -0.69 -7.48 11.60
CA PHE A 43 0.09 -8.09 12.67
C PHE A 43 1.58 -8.01 12.38
N ALA A 44 1.93 -8.17 11.10
CA ALA A 44 3.32 -8.16 10.69
C ALA A 44 3.94 -6.79 10.93
N GLU A 45 3.11 -5.75 10.95
CA GLU A 45 3.61 -4.39 11.05
C GLU A 45 3.52 -3.77 12.45
N THR A 46 2.65 -4.27 13.32
CA THR A 46 2.45 -3.65 14.64
C THR A 46 2.64 -4.61 15.82
N GLY A 47 2.67 -5.90 15.53
CA GLY A 47 2.70 -6.87 16.59
C GLY A 47 1.35 -7.03 17.23
N PHE A 48 0.31 -6.48 16.59
CA PHE A 48 -1.03 -6.58 17.17
C PHE A 48 -1.68 -7.87 16.68
N PRO A 49 -1.88 -8.83 17.59
CA PRO A 49 -2.36 -10.19 17.32
C PRO A 49 -3.63 -10.26 16.44
N VAL A 50 -3.50 -11.02 15.36
CA VAL A 50 -4.60 -11.33 14.46
C VAL A 50 -5.85 -11.76 15.22
N SER A 51 -5.64 -12.61 16.22
CA SER A 51 -6.74 -13.16 17.00
C SER A 51 -7.52 -12.05 17.69
N GLU A 52 -6.85 -10.99 18.07
CA GLU A 52 -7.58 -9.93 18.74
C GLU A 52 -8.11 -8.86 17.78
N GLN A 53 -8.08 -9.07 16.48
CA GLN A 53 -8.52 -7.99 15.60
C GLN A 53 -9.97 -8.10 15.11
N ARG A 54 -10.72 -7.03 15.28
CA ARG A 54 -12.10 -6.97 14.81
C ARG A 54 -12.28 -5.84 13.79
N LEU A 55 -12.31 -6.18 12.52
CA LEU A 55 -12.42 -5.15 11.51
C LEU A 55 -13.90 -4.91 11.17
N TRP A 56 -14.27 -3.63 11.15
CA TRP A 56 -15.64 -3.18 10.95
C TRP A 56 -15.71 -2.18 9.82
N ARG A 57 -16.81 -2.18 9.07
CA ARG A 57 -16.93 -1.24 7.96
C ARG A 57 -18.32 -0.69 7.78
N GLY A 58 -18.54 0.51 8.30
CA GLY A 58 -19.87 1.08 8.27
C GLY A 58 -20.81 0.34 9.20
N GLY A 59 -20.36 0.12 10.43
CA GLY A 59 -21.19 -0.44 11.49
C GLY A 59 -21.42 -1.94 11.50
N ARG A 60 -20.71 -2.68 10.65
CA ARG A 60 -20.78 -4.14 10.67
C ARG A 60 -19.39 -4.80 10.66
N GLU A 61 -19.24 -5.83 11.50
CA GLU A 61 -17.99 -6.57 11.56
C GLU A 61 -17.75 -7.36 10.28
N LEU A 62 -16.49 -7.41 9.85
CA LEU A 62 -16.08 -8.10 8.62
C LEU A 62 -15.52 -9.52 8.87
N SER A 63 -16.22 -10.53 8.37
CA SER A 63 -15.79 -11.94 8.47
C SER A 63 -14.44 -12.17 7.77
N ASP A 64 -13.65 -13.08 8.32
CA ASP A 64 -12.27 -13.31 7.90
C ASP A 64 -12.12 -13.69 6.43
N TRP A 65 -13.18 -14.25 5.85
CA TRP A 65 -13.06 -14.90 4.56
C TRP A 65 -13.49 -14.01 3.40
N ILE A 66 -14.05 -12.84 3.70
CA ILE A 66 -14.41 -11.86 2.69
C ILE A 66 -13.21 -11.36 1.88
N LYS A 67 -13.28 -11.41 0.55
CA LYS A 67 -12.20 -10.87 -0.28
C LYS A 67 -12.32 -9.34 -0.36
N ILE A 68 -11.18 -8.65 -0.31
CA ILE A 68 -11.15 -7.18 -0.26
C ILE A 68 -11.72 -6.53 -1.50
N GLY A 69 -11.42 -7.12 -2.65
CA GLY A 69 -11.98 -6.65 -3.89
C GLY A 69 -13.50 -6.69 -3.91
N ASP A 70 -14.08 -7.60 -3.13
CA ASP A 70 -15.54 -7.72 -3.07
C ASP A 70 -16.17 -6.52 -2.39
N LEU A 71 -15.33 -5.70 -1.76
CA LEU A 71 -15.82 -4.60 -0.95
C LEU A 71 -15.82 -3.26 -1.68
N THR A 72 -15.32 -3.24 -2.90
CA THR A 72 -15.14 -1.97 -3.61
C THR A 72 -16.00 -1.86 -4.86
N CYS A 76 -11.25 2.97 -5.42
CA CYS A 76 -12.13 3.01 -4.25
C CYS A 76 -11.37 2.84 -2.94
N HIS A 77 -11.29 3.90 -2.14
CA HIS A 77 -10.49 3.84 -0.92
C HIS A 77 -11.22 3.13 0.23
N LEU A 78 -10.61 2.08 0.75
CA LEU A 78 -11.27 1.30 1.77
C LEU A 78 -10.97 1.80 3.17
N PHE A 79 -12.01 1.94 3.98
CA PHE A 79 -11.83 2.34 5.36
C PHE A 79 -12.43 1.32 6.31
N VAL A 80 -11.58 0.75 7.15
CA VAL A 80 -12.06 -0.19 8.15
C VAL A 80 -11.68 0.27 9.55
N ASN A 81 -12.63 0.12 10.45
CA ASN A 81 -12.44 0.47 11.86
C ASN A 81 -12.00 -0.75 12.66
N GLN A 83 -12.12 -2.18 15.96
CA GLN A 83 -12.79 -2.08 17.26
C GLN A 83 -12.74 -3.40 18.00
N ASN B 10 33.96 -12.36 -7.58
CA ASN B 10 34.64 -12.27 -6.28
C ASN B 10 33.93 -11.29 -5.31
N ARG B 11 33.44 -10.18 -5.81
CA ARG B 11 32.67 -9.28 -4.95
C ARG B 11 31.27 -9.83 -4.68
N TRP B 12 30.66 -9.39 -3.61
CA TRP B 12 29.27 -9.73 -3.34
C TRP B 12 28.37 -9.07 -4.35
N VAL B 13 27.36 -9.80 -4.81
CA VAL B 13 26.29 -9.22 -5.58
C VAL B 13 24.97 -9.82 -5.13
N PRO B 14 24.17 -9.04 -4.40
CA PRO B 14 22.86 -9.45 -3.89
C PRO B 14 21.91 -9.74 -5.03
N VAL B 15 21.17 -10.84 -4.94
CA VAL B 15 20.23 -11.25 -5.97
C VAL B 15 18.93 -11.62 -5.33
N THR B 16 17.90 -10.86 -5.67
CA THR B 16 16.60 -11.09 -5.11
C THR B 16 15.71 -11.77 -6.12
N VAL B 17 15.13 -12.88 -5.69
CA VAL B 17 14.33 -13.70 -6.56
C VAL B 17 12.85 -13.50 -6.28
N LEU B 18 12.17 -12.93 -7.26
CA LEU B 18 10.73 -12.72 -7.20
C LEU B 18 10.01 -13.91 -7.80
N PRO B 19 9.27 -14.64 -6.96
CA PRO B 19 8.42 -15.75 -7.36
C PRO B 19 7.24 -15.30 -8.19
N GLY B 20 7.48 -14.82 -9.41
CA GLY B 20 6.42 -14.36 -10.31
C GLY B 20 5.91 -12.92 -10.15
N CYS B 21 6.46 -12.17 -9.20
CA CYS B 21 6.16 -10.75 -9.08
C CYS B 21 4.66 -10.35 -9.00
N VAL B 22 3.91 -10.91 -8.07
CA VAL B 22 2.45 -10.71 -8.05
C VAL B 22 2.06 -9.29 -7.60
N GLY B 23 1.11 -8.69 -8.30
CA GLY B 23 0.61 -7.39 -7.92
C GLY B 23 1.58 -6.28 -8.22
N CYS B 24 2.68 -6.63 -8.87
CA CYS B 24 3.62 -5.64 -9.33
C CYS B 24 2.99 -4.73 -10.41
N ARG B 25 3.39 -3.45 -10.41
CA ARG B 25 3.01 -2.55 -11.49
C ARG B 25 4.24 -1.87 -12.05
N THR B 26 4.25 -1.65 -13.34
CA THR B 26 5.39 -1.08 -13.98
C THR B 26 4.98 0.18 -14.66
N VAL B 27 5.73 1.25 -14.46
CA VAL B 27 5.33 2.52 -15.07
C VAL B 27 6.38 3.07 -16.02
N ALA B 28 5.87 3.68 -17.10
CA ALA B 28 6.66 4.38 -18.09
C ALA B 28 7.28 5.68 -17.54
N ALA B 29 8.29 5.58 -16.68
CA ALA B 29 8.85 6.80 -16.14
C ALA B 29 9.90 7.37 -17.09
N LEU B 30 10.24 8.63 -16.91
CA LEU B 30 11.38 9.15 -17.63
C LEU B 30 12.52 9.47 -16.66
N ALA B 31 13.71 9.64 -17.20
CA ALA B 31 14.87 10.06 -16.41
C ALA B 31 14.59 11.37 -15.64
N SER B 32 13.90 12.32 -16.27
CA SER B 32 13.67 13.62 -15.64
C SER B 32 12.59 13.59 -14.55
N TRP B 33 11.86 12.49 -14.40
CA TRP B 33 10.96 12.31 -13.26
C TRP B 33 11.68 12.25 -11.92
N THR B 34 10.98 12.68 -10.88
CA THR B 34 11.44 12.45 -9.50
C THR B 34 10.77 11.22 -8.90
N VAL B 35 11.28 10.79 -7.74
CA VAL B 35 10.62 9.77 -6.96
C VAL B 35 9.18 10.20 -6.72
N ARG B 36 9.02 11.47 -6.38
CA ARG B 36 7.69 12.00 -6.13
C ARG B 36 6.80 11.81 -7.36
N ASP B 37 7.38 11.96 -8.55
CA ASP B 37 6.64 11.75 -9.79
C ASP B 37 6.08 10.33 -9.84
N VAL B 38 6.87 9.37 -9.35
CA VAL B 38 6.48 7.98 -9.35
C VAL B 38 5.31 7.70 -8.41
N LYS B 39 5.36 8.28 -7.22
CA LYS B 39 4.26 8.20 -6.26
C LYS B 39 2.96 8.72 -6.85
N GLU B 40 3.04 9.87 -7.53
CA GLU B 40 1.88 10.46 -8.19
C GLU B 40 1.32 9.51 -9.23
N ARG B 41 2.20 8.95 -10.07
CA ARG B 41 1.76 8.02 -11.09
C ARG B 41 1.08 6.80 -10.46
N ILE B 42 1.72 6.26 -9.43
CA ILE B 42 1.14 5.16 -8.68
C ILE B 42 -0.23 5.49 -8.12
N PHE B 43 -0.33 6.63 -7.45
CA PHE B 43 -1.59 7.03 -6.86
C PHE B 43 -2.65 7.26 -7.95
N ALA B 44 -2.22 7.74 -9.11
CA ALA B 44 -3.19 8.03 -10.15
C ALA B 44 -3.74 6.74 -10.72
N GLU B 45 -2.95 5.68 -10.70
CA GLU B 45 -3.37 4.40 -11.24
C GLU B 45 -4.10 3.56 -10.20
N THR B 46 -3.69 3.67 -8.94
CA THR B 46 -4.20 2.75 -7.93
C THR B 46 -5.01 3.43 -6.84
N GLY B 47 -4.88 4.75 -6.71
CA GLY B 47 -5.62 5.44 -5.67
C GLY B 47 -4.92 5.40 -4.32
N PHE B 48 -3.68 4.92 -4.31
CA PHE B 48 -2.95 4.82 -3.06
C PHE B 48 -2.19 6.12 -2.81
N PRO B 49 -2.59 6.84 -1.76
CA PRO B 49 -2.12 8.20 -1.41
C PRO B 49 -0.61 8.35 -1.43
N VAL B 50 -0.15 9.35 -2.19
CA VAL B 50 1.24 9.74 -2.26
C VAL B 50 1.75 9.85 -0.85
N SER B 51 0.95 10.53 -0.05
CA SER B 51 1.27 10.80 1.35
CA SER B 51 1.26 10.81 1.35
C SER B 51 1.66 9.55 2.11
N GLU B 52 1.13 8.41 1.68
CA GLU B 52 1.36 7.17 2.41
C GLU B 52 2.39 6.25 1.76
N GLN B 53 2.98 6.66 0.66
CA GLN B 53 3.93 5.78 -0.01
C GLN B 53 5.36 5.97 0.51
N ARG B 54 6.10 4.88 0.63
CA ARG B 54 7.53 4.93 0.91
C ARG B 54 8.25 3.96 -0.03
N LEU B 55 9.15 4.50 -0.85
CA LEU B 55 9.76 3.72 -1.91
C LEU B 55 11.23 3.40 -1.63
N TRP B 56 11.59 2.13 -1.76
CA TRP B 56 12.89 1.60 -1.35
C TRP B 56 13.68 0.98 -2.50
N ARG B 57 15.00 1.14 -2.52
CA ARG B 57 15.82 0.44 -3.53
C ARG B 57 17.12 -0.15 -2.96
N ARG B 60 17.77 0.75 1.57
CA ARG B 60 17.86 2.19 1.28
C ARG B 60 16.54 2.80 0.79
N GLU B 61 15.97 3.69 1.58
CA GLU B 61 14.73 4.37 1.18
C GLU B 61 15.01 5.53 0.23
N LEU B 62 14.07 5.84 -0.66
CA LEU B 62 14.24 6.92 -1.62
C LEU B 62 13.58 8.22 -1.21
N SER B 63 14.33 9.32 -1.35
CA SER B 63 13.81 10.67 -1.11
C SER B 63 12.98 11.19 -2.28
N ASP B 64 11.97 12.00 -1.97
CA ASP B 64 11.06 12.51 -3.00
C ASP B 64 11.74 13.35 -4.07
N TRP B 65 12.84 13.99 -3.72
CA TRP B 65 13.46 14.92 -4.65
C TRP B 65 14.40 14.22 -5.64
N ILE B 66 14.80 13.00 -5.34
CA ILE B 66 15.70 12.26 -6.20
C ILE B 66 15.11 12.10 -7.61
N LYS B 67 15.89 12.43 -8.63
CA LYS B 67 15.46 12.20 -9.99
C LYS B 67 15.79 10.78 -10.42
N ILE B 68 14.78 10.10 -10.95
CA ILE B 68 14.86 8.71 -11.36
C ILE B 68 16.07 8.39 -12.21
N GLY B 69 16.31 9.20 -13.22
CA GLY B 69 17.46 9.02 -14.09
C GLY B 69 18.80 9.09 -13.38
N ASP B 70 18.78 9.41 -12.08
CA ASP B 70 20.00 9.44 -11.26
C ASP B 70 20.07 8.20 -10.38
N LEU B 71 19.09 7.31 -10.53
CA LEU B 71 19.06 6.07 -9.77
C LEU B 71 19.70 4.92 -10.53
N THR B 72 19.75 5.05 -11.85
CA THR B 72 20.23 3.97 -12.69
C THR B 72 21.75 3.97 -12.74
N HIS B 77 17.58 -3.09 -14.54
CA HIS B 77 16.35 -2.32 -14.49
C HIS B 77 16.19 -1.54 -13.20
N LEU B 78 15.02 -0.97 -12.98
CA LEU B 78 14.74 -0.21 -11.76
C LEU B 78 13.53 -0.80 -11.04
N PHE B 79 13.75 -1.17 -9.79
CA PHE B 79 12.79 -1.89 -8.98
C PHE B 79 12.63 -1.12 -7.71
N VAL B 80 11.44 -1.14 -7.14
CA VAL B 80 11.23 -0.44 -5.90
C VAL B 80 10.21 -1.13 -5.03
N ASN B 81 10.66 -1.60 -3.87
CA ASN B 81 9.77 -2.10 -2.85
C ASN B 81 8.97 -0.95 -2.28
N GLN B 83 6.96 -0.18 0.80
CA GLN B 83 6.66 -0.61 2.16
C GLN B 83 6.14 0.54 3.01
#